data_3UBA
#
_entry.id   3UBA
#
_cell.length_a   54.050
_cell.length_b   80.230
_cell.length_c   76.100
_cell.angle_alpha   90.00
_cell.angle_beta   103.33
_cell.angle_gamma   90.00
#
_symmetry.space_group_name_H-M   'P 1 21 1'
#
loop_
_entity.id
_entity.type
_entity.pdbx_description
1 polymer Lactoperoxidase
2 branched 2-acetamido-2-deoxy-beta-D-glucopyranose-(1-4)-2-acetamido-2-deoxy-beta-D-glucopyranose
3 non-polymer 'PROTOPORPHYRIN IX CONTAINING FE'
4 non-polymer 2-acetamido-2-deoxy-beta-D-glucopyranose
5 non-polymer 'IODIDE ION'
6 non-polymer 'CALCIUM ION'
7 non-polymer 'THIOCYANATE ION'
8 non-polymer "4'-HYDROXYCINNAMIC ACID"
9 non-polymer DI(HYDROXYETHYL)ETHER
10 non-polymer GLYCEROL
11 non-polymer 1,2-ETHANEDIOL
12 water water
#
_entity_poly.entity_id   1
_entity_poly.type   'polypeptide(L)'
_entity_poly.pdbx_seq_one_letter_code
;SWEVGCGAPVPLVKCDENSPYRTITGDCNNRRSPALGAANRALARWLPAEYEDGLALPFGWTQRKTRNGFRVPLAREVSN
KIVGYLDEEGVLDQNRSLLFMQWGQIVDHDLDFAPETELGSNEHSKTQCEEYCIQGDNCFPIMFPKNDPKLKTQGKCMPF
FRAGFVCPTPPYQSLAREQINAVTSFLDASLVYGSEP(SEP)LASRLRNLSSPLGLMAVNQEAWDHGLAYLPFNNKKPSP
CEFINTTARVPCFLAGDFRASEQILLATAHTLLLREHNRLARELKKLNPHWNGEKLYQEARKILGAFIQIITFRDYLPIV
LGSEMQKWIPPYQGYNNSVDPRISNVFTFAFRFGHMEVPSTVSRLDENYQPWGPEAELPLHTLFFNTWRIIKDGGIDPLV
RGLLAKKSKLMNQDKMVTSELRNKLFQPTHKIHGFDLAAINLQRCRDHGMPGYNSWRGFCGLSQPKTLKGLQTVLKNKIL
AKKLMDLYKTPDNIDIWIGGNAEPMVERGRVGPLLACLLGRQFQQIRDGDRFWWENPGVFTEKQRDSLQKVSFSRLICDN
THITKVPLHAFQANNYPHDFVDCSTVDKLDLSPWASREN
;
_entity_poly.pdbx_strand_id   A
#
# COMPACT_ATOMS: atom_id res chain seq x y z
N SER A 1 17.04 31.24 0.28
CA SER A 1 17.84 29.97 0.31
C SER A 1 17.21 28.86 -0.52
N TRP A 2 16.03 28.38 -0.09
CA TRP A 2 15.33 27.30 -0.79
C TRP A 2 14.63 27.85 -2.05
N GLU A 3 15.22 27.54 -3.20
CA GLU A 3 14.74 28.00 -4.52
C GLU A 3 13.25 27.79 -4.81
N VAL A 4 12.74 28.60 -5.73
CA VAL A 4 11.34 28.55 -6.14
C VAL A 4 10.94 27.13 -6.58
N GLY A 5 11.92 26.31 -6.94
CA GLY A 5 11.62 24.94 -7.32
C GLY A 5 11.81 24.45 -8.75
N CYS A 6 12.18 23.18 -8.87
CA CYS A 6 12.38 22.54 -10.17
C CYS A 6 11.05 21.86 -10.58
N GLY A 7 10.79 21.80 -11.88
CA GLY A 7 9.55 21.18 -12.36
C GLY A 7 9.48 20.94 -13.86
N ALA A 8 10.55 20.35 -14.42
CA ALA A 8 10.63 20.08 -15.84
C ALA A 8 9.65 19.03 -16.36
N PRO A 9 9.75 17.77 -15.87
CA PRO A 9 8.78 16.82 -16.41
C PRO A 9 7.39 16.80 -15.78
N VAL A 10 6.74 17.96 -15.73
CA VAL A 10 5.36 18.08 -15.25
C VAL A 10 4.67 19.12 -16.12
N PRO A 11 3.53 18.76 -16.71
CA PRO A 11 2.74 19.64 -17.59
C PRO A 11 2.20 20.93 -16.98
N LEU A 12 1.08 21.40 -17.53
CA LEU A 12 0.44 22.62 -17.07
C LEU A 12 -0.61 22.33 -15.99
N VAL A 13 -0.91 23.35 -15.20
CA VAL A 13 -1.91 23.22 -14.14
C VAL A 13 -2.98 24.29 -14.35
N LYS A 14 -4.12 23.90 -14.94
CA LYS A 14 -5.21 24.84 -15.17
C LYS A 14 -6.39 24.37 -14.34
N CYS A 15 -6.68 25.09 -13.27
CA CYS A 15 -7.75 24.70 -12.35
C CYS A 15 -9.16 25.27 -12.52
N ASP A 16 -10.10 24.39 -12.82
CA ASP A 16 -11.51 24.78 -12.93
C ASP A 16 -11.88 25.10 -11.49
N GLU A 17 -12.34 26.33 -11.25
CA GLU A 17 -12.68 26.75 -9.90
C GLU A 17 -14.04 26.35 -9.34
N ASN A 18 -15.05 26.21 -10.19
CA ASN A 18 -16.35 25.80 -9.71
C ASN A 18 -16.34 24.29 -9.44
N SER A 19 -15.36 23.59 -9.97
CA SER A 19 -15.44 22.16 -9.99
C SER A 19 -15.69 21.62 -8.59
N PRO A 20 -16.73 20.77 -8.50
CA PRO A 20 -17.11 20.14 -7.22
C PRO A 20 -16.52 18.74 -7.03
N TYR A 21 -15.81 18.23 -8.04
CA TYR A 21 -15.20 16.92 -7.95
C TYR A 21 -13.68 17.01 -7.94
N ARG A 22 -13.04 15.94 -7.50
CA ARG A 22 -11.58 15.89 -7.45
C ARG A 22 -11.10 15.67 -8.87
N THR A 23 -9.83 15.94 -9.13
CA THR A 23 -9.28 15.66 -10.44
C THR A 23 -8.60 14.29 -10.26
N ILE A 24 -8.42 13.58 -11.36
CA ILE A 24 -7.77 12.28 -11.32
C ILE A 24 -6.29 12.41 -10.93
N THR A 25 -5.66 13.51 -11.32
CA THR A 25 -4.25 13.72 -11.00
C THR A 25 -4.05 14.31 -9.60
N GLY A 26 -5.14 14.72 -8.98
CA GLY A 26 -5.12 15.27 -7.65
C GLY A 26 -4.76 16.72 -7.66
N ASP A 27 -4.52 17.24 -8.85
CA ASP A 27 -4.12 18.62 -9.02
C ASP A 27 -5.29 19.50 -8.65
N CYS A 28 -5.01 20.69 -8.14
CA CYS A 28 -6.06 21.66 -7.88
C CYS A 28 -6.85 21.44 -6.60
N ASN A 29 -6.40 20.51 -5.76
CA ASN A 29 -7.06 20.28 -4.48
C ASN A 29 -6.82 21.52 -3.64
N ASN A 30 -5.55 21.95 -3.61
CA ASN A 30 -5.14 23.11 -2.84
C ASN A 30 -5.02 24.31 -3.76
N ARG A 31 -5.86 25.31 -3.51
CA ARG A 31 -5.90 26.52 -4.32
C ARG A 31 -4.61 27.35 -4.41
N ARG A 32 -4.06 27.76 -3.28
CA ARG A 32 -2.84 28.57 -3.30
C ARG A 32 -1.62 27.87 -3.94
N SER A 33 -1.50 26.55 -3.73
CA SER A 33 -0.43 25.73 -4.32
C SER A 33 -1.12 24.49 -4.86
N PRO A 34 -1.66 24.57 -6.10
CA PRO A 34 -2.38 23.49 -6.78
C PRO A 34 -1.66 22.20 -7.16
N ALA A 35 -0.34 22.16 -7.03
CA ALA A 35 0.39 20.95 -7.38
C ALA A 35 0.59 20.10 -6.13
N LEU A 36 0.19 20.62 -4.98
CA LEU A 36 0.32 19.90 -3.72
C LEU A 36 -0.63 18.72 -3.61
N GLY A 37 -0.06 17.53 -3.46
CA GLY A 37 -0.83 16.31 -3.32
C GLY A 37 -1.22 15.73 -4.66
N ALA A 38 -0.40 15.98 -5.67
CA ALA A 38 -0.70 15.47 -7.00
C ALA A 38 0.27 14.39 -7.43
N ALA A 39 -0.22 13.51 -8.27
CA ALA A 39 0.62 12.41 -8.78
C ALA A 39 1.78 12.99 -9.58
N ASN A 40 2.82 12.19 -9.74
CA ASN A 40 4.00 12.57 -10.50
C ASN A 40 4.84 13.74 -9.99
N ARG A 41 4.70 14.09 -8.71
CA ARG A 41 5.50 15.15 -8.11
C ARG A 41 6.39 14.46 -7.09
N ALA A 42 7.47 15.12 -6.69
CA ALA A 42 8.38 14.50 -5.74
C ALA A 42 7.71 14.26 -4.39
N LEU A 43 8.10 13.17 -3.73
CA LEU A 43 7.59 12.85 -2.41
C LEU A 43 8.10 14.00 -1.54
N ALA A 44 7.45 14.27 -0.41
CA ALA A 44 7.91 15.36 0.44
C ALA A 44 9.03 14.87 1.38
N ARG A 45 9.91 15.78 1.79
CA ARG A 45 11.02 15.45 2.67
C ARG A 45 10.79 16.11 4.01
N TRP A 46 10.37 15.33 5.01
CA TRP A 46 10.17 15.91 6.34
C TRP A 46 11.53 16.24 6.95
N LEU A 47 12.58 15.61 6.44
CA LEU A 47 13.96 15.85 6.89
C LEU A 47 14.86 15.76 5.67
N PRO A 48 15.96 16.53 5.65
CA PRO A 48 16.89 16.50 4.50
C PRO A 48 17.25 15.09 4.09
N ALA A 49 17.33 14.82 2.80
CA ALA A 49 17.72 13.48 2.36
C ALA A 49 19.15 13.27 2.84
N GLU A 50 19.46 12.02 3.18
CA GLU A 50 20.82 11.67 3.51
C GLU A 50 21.30 10.75 2.43
N TYR A 51 22.34 11.19 1.71
CA TYR A 51 23.00 10.32 0.74
C TYR A 51 24.48 10.25 0.96
N GLU A 52 25.06 9.14 0.52
CA GLU A 52 26.49 8.91 0.62
C GLU A 52 27.26 10.19 0.25
N ASP A 53 27.02 10.68 -0.96
CA ASP A 53 27.67 11.88 -1.46
C ASP A 53 26.78 13.13 -1.31
N GLY A 54 25.82 13.06 -0.38
CA GLY A 54 24.96 14.21 -0.16
C GLY A 54 24.32 14.77 -1.42
N LEU A 55 24.01 13.89 -2.37
CA LEU A 55 23.39 14.31 -3.63
C LEU A 55 22.43 13.26 -4.19
N ALA A 56 22.97 12.08 -4.50
CA ALA A 56 22.16 11.02 -5.06
C ALA A 56 22.65 9.59 -4.84
N LEU A 57 23.93 9.38 -4.54
CA LEU A 57 24.38 7.99 -4.33
C LEU A 57 23.88 7.45 -3.01
N PRO A 58 23.50 6.17 -2.98
CA PRO A 58 23.01 5.60 -1.73
C PRO A 58 24.14 5.04 -0.88
N PHE A 59 23.94 5.06 0.44
CA PHE A 59 24.94 4.53 1.35
C PHE A 59 25.09 3.03 1.08
N GLY A 60 26.33 2.56 1.03
CA GLY A 60 26.58 1.14 0.78
C GLY A 60 26.90 0.89 -0.68
N TRP A 61 27.10 1.99 -1.40
CA TRP A 61 27.40 1.97 -2.82
C TRP A 61 28.91 1.91 -3.07
N THR A 62 29.66 2.62 -2.24
CA THR A 62 31.11 2.66 -2.34
C THR A 62 31.65 1.91 -1.14
N GLN A 63 32.33 0.79 -1.32
CA GLN A 63 32.70 -0.03 -0.16
C GLN A 63 33.56 0.79 0.80
N ARG A 64 34.46 1.59 0.25
CA ARG A 64 35.32 2.51 1.00
C ARG A 64 34.61 3.65 1.77
N LYS A 65 33.35 3.93 1.45
CA LYS A 65 32.61 5.02 2.12
C LYS A 65 31.71 4.55 3.27
N THR A 66 32.07 4.94 4.48
CA THR A 66 31.30 4.55 5.66
C THR A 66 30.19 5.54 5.95
N ARG A 67 29.37 5.22 6.95
CA ARG A 67 28.29 6.07 7.42
C ARG A 67 28.52 6.22 8.91
N ASN A 68 28.80 7.43 9.35
CA ASN A 68 29.05 7.69 10.77
C ASN A 68 30.24 6.93 11.32
N GLY A 69 31.18 6.56 10.46
CA GLY A 69 32.37 5.85 10.90
C GLY A 69 32.34 4.37 10.61
N PHE A 70 31.17 3.88 10.22
CA PHE A 70 31.03 2.46 9.95
C PHE A 70 30.51 2.12 8.57
N ARG A 71 30.62 0.84 8.23
CA ARG A 71 30.15 0.30 6.97
C ARG A 71 28.71 -0.16 7.20
N VAL A 72 27.87 0.05 6.21
CA VAL A 72 26.50 -0.40 6.39
C VAL A 72 26.46 -1.87 5.97
N PRO A 73 25.70 -2.68 6.71
CA PRO A 73 25.56 -4.10 6.44
C PRO A 73 24.79 -4.34 5.16
N LEU A 74 25.03 -5.47 4.53
CA LEU A 74 24.31 -5.81 3.31
C LEU A 74 22.86 -6.01 3.70
N ALA A 75 21.95 -5.53 2.87
CA ALA A 75 20.53 -5.64 3.13
C ALA A 75 20.08 -7.09 3.37
N ARG A 76 20.65 -8.03 2.63
CA ARG A 76 20.27 -9.43 2.74
C ARG A 76 20.76 -10.10 4.04
N GLU A 77 21.91 -9.64 4.54
CA GLU A 77 22.48 -10.18 5.79
C GLU A 77 21.60 -9.78 6.98
N VAL A 78 21.18 -8.53 7.01
CA VAL A 78 20.31 -8.02 8.06
C VAL A 78 19.07 -8.89 8.04
N SER A 79 18.53 -9.05 6.83
CA SER A 79 17.33 -9.85 6.61
C SER A 79 17.51 -11.27 7.13
N ASN A 80 18.63 -11.90 6.78
CA ASN A 80 18.92 -13.26 7.22
C ASN A 80 19.08 -13.37 8.73
N LYS A 81 19.87 -12.49 9.31
CA LYS A 81 20.11 -12.45 10.76
C LYS A 81 18.93 -12.08 11.65
N ILE A 82 18.13 -11.12 11.24
CA ILE A 82 17.06 -10.60 12.09
C ILE A 82 15.64 -10.86 11.60
N VAL A 83 15.39 -10.56 10.34
CA VAL A 83 14.06 -10.66 9.77
C VAL A 83 13.50 -12.07 9.63
N GLY A 84 14.35 -13.00 9.28
CA GLY A 84 13.93 -14.38 9.04
C GLY A 84 13.54 -15.25 10.22
N TYR A 85 12.62 -16.18 9.98
CA TYR A 85 12.28 -17.22 10.95
C TYR A 85 11.69 -18.48 10.29
N LEU A 86 11.79 -19.62 10.95
CA LEU A 86 11.35 -20.91 10.40
C LEU A 86 9.95 -21.36 10.79
N ASP A 87 9.67 -21.28 12.09
CA ASP A 87 8.43 -21.73 12.70
C ASP A 87 7.15 -20.89 12.56
N GLU A 88 6.25 -21.29 11.65
CA GLU A 88 5.00 -20.57 11.46
C GLU A 88 3.94 -20.93 12.51
N GLU A 89 4.36 -21.57 13.59
CA GLU A 89 3.40 -21.95 14.61
C GLU A 89 3.29 -20.84 15.64
N GLY A 90 2.07 -20.60 16.10
CA GLY A 90 1.80 -19.56 17.08
C GLY A 90 2.18 -18.16 16.67
N VAL A 91 2.00 -17.80 15.39
CA VAL A 91 2.35 -16.44 14.95
C VAL A 91 1.14 -15.64 14.52
N LEU A 92 -0.04 -16.26 14.60
CA LEU A 92 -1.23 -15.54 14.20
C LEU A 92 -1.69 -14.59 15.29
N ASP A 93 -2.15 -13.42 14.85
CA ASP A 93 -2.66 -12.35 15.68
C ASP A 93 -4.08 -12.73 16.14
N GLN A 94 -4.24 -13.02 17.41
CA GLN A 94 -5.52 -13.45 17.97
C GLN A 94 -6.65 -12.46 17.82
N ASN A 95 -6.34 -11.17 17.82
CA ASN A 95 -7.37 -10.15 17.63
C ASN A 95 -7.38 -9.35 16.32
N ARG A 96 -6.78 -9.85 15.25
CA ARG A 96 -6.89 -9.21 13.95
C ARG A 96 -7.32 -10.15 12.82
N SER A 97 -8.40 -9.85 12.10
CA SER A 97 -8.76 -10.65 10.94
C SER A 97 -7.71 -10.44 9.86
N LEU A 98 -7.66 -11.31 8.86
CA LEU A 98 -6.67 -11.13 7.80
C LEU A 98 -7.04 -9.89 6.99
N LEU A 99 -8.29 -9.45 7.16
CA LEU A 99 -8.78 -8.27 6.44
C LEU A 99 -8.00 -7.05 6.90
N PHE A 100 -7.55 -7.09 8.16
CA PHE A 100 -6.75 -6.02 8.74
C PHE A 100 -5.51 -5.84 7.84
N MET A 101 -4.77 -6.91 7.58
CA MET A 101 -3.63 -6.76 6.70
C MET A 101 -4.06 -6.25 5.34
N GLN A 102 -5.11 -6.82 4.76
CA GLN A 102 -5.51 -6.39 3.42
C GLN A 102 -5.88 -4.95 3.25
N TRP A 103 -6.56 -4.38 4.25
CA TRP A 103 -6.98 -3.00 4.18
C TRP A 103 -5.73 -2.13 4.21
N GLY A 104 -4.73 -2.58 4.94
CA GLY A 104 -3.49 -1.82 5.01
C GLY A 104 -2.87 -1.62 3.65
N GLN A 105 -2.72 -2.69 2.87
CA GLN A 105 -2.11 -2.63 1.53
C GLN A 105 -2.95 -1.82 0.55
N ILE A 106 -4.26 -1.80 0.77
CA ILE A 106 -5.18 -1.04 -0.07
C ILE A 106 -4.92 0.46 0.15
N VAL A 107 -4.90 0.86 1.41
CA VAL A 107 -4.63 2.24 1.75
C VAL A 107 -3.23 2.66 1.34
N ASP A 108 -2.23 1.80 1.56
CA ASP A 108 -0.87 2.17 1.23
C ASP A 108 -0.75 2.44 -0.27
N HIS A 109 -1.44 1.62 -1.05
CA HIS A 109 -1.51 1.75 -2.48
C HIS A 109 -2.23 2.97 -3.00
N ASP A 110 -3.25 3.40 -2.27
CA ASP A 110 -4.04 4.54 -2.68
C ASP A 110 -3.13 5.73 -2.48
N LEU A 111 -2.29 5.66 -1.45
CA LEU A 111 -1.39 6.75 -1.08
C LEU A 111 -0.08 7.00 -1.81
N ASP A 112 0.75 5.98 -1.91
CA ASP A 112 2.04 6.18 -2.55
C ASP A 112 2.40 5.09 -3.53
N PHE A 113 3.13 5.47 -4.57
CA PHE A 113 3.86 4.53 -5.40
C PHE A 113 5.12 5.22 -5.84
N ALA A 114 6.24 4.52 -5.81
CA ALA A 114 7.50 5.08 -6.24
C ALA A 114 8.16 4.09 -7.17
N PRO A 115 7.65 4.01 -8.39
CA PRO A 115 8.17 2.99 -9.30
C PRO A 115 9.60 3.25 -9.79
N GLU A 116 10.27 2.15 -10.19
CA GLU A 116 11.64 2.16 -10.71
C GLU A 116 11.76 3.06 -11.94
N THR A 117 12.99 3.45 -12.24
CA THR A 117 13.29 4.30 -13.40
C THR A 117 13.19 3.47 -14.69
N GLU A 118 12.80 4.12 -15.78
CA GLU A 118 12.69 3.43 -17.07
C GLU A 118 13.91 3.61 -17.96
N LEU A 119 14.50 2.49 -18.36
CA LEU A 119 15.67 2.44 -19.24
C LEU A 119 15.81 0.97 -19.65
N GLY A 120 14.77 0.19 -19.37
CA GLY A 120 14.81 -1.25 -19.65
C GLY A 120 14.04 -1.92 -20.77
N SER A 121 13.20 -1.21 -21.51
CA SER A 121 12.48 -1.88 -22.57
C SER A 121 13.03 -1.50 -23.93
N ASN A 122 13.46 -2.51 -24.68
CA ASN A 122 14.21 -2.32 -25.90
C ASN A 122 15.67 -2.08 -25.55
N GLU A 123 15.97 -2.16 -24.27
CA GLU A 123 17.33 -2.12 -23.75
C GLU A 123 17.52 -3.35 -22.89
N HIS A 124 18.63 -4.05 -23.05
CA HIS A 124 18.84 -5.28 -22.28
C HIS A 124 19.49 -4.96 -20.94
N SER A 125 19.59 -3.67 -20.63
CA SER A 125 20.20 -3.22 -19.38
C SER A 125 19.63 -3.94 -18.17
N LYS A 126 18.34 -4.25 -18.20
CA LYS A 126 17.66 -4.94 -17.10
C LYS A 126 18.23 -6.35 -16.91
N THR A 127 18.67 -6.96 -17.99
CA THR A 127 19.21 -8.31 -17.93
C THR A 127 20.70 -8.27 -17.58
N GLN A 128 21.35 -7.14 -17.85
CA GLN A 128 22.77 -6.99 -17.54
C GLN A 128 22.94 -6.78 -16.03
N CYS A 129 21.89 -6.30 -15.36
CA CYS A 129 21.93 -6.10 -13.92
C CYS A 129 21.74 -7.48 -13.31
N GLU A 130 20.74 -8.19 -13.82
CA GLU A 130 20.43 -9.53 -13.35
C GLU A 130 21.57 -10.52 -13.61
N GLU A 131 21.96 -10.63 -14.88
CA GLU A 131 22.99 -11.58 -15.27
C GLU A 131 24.40 -11.46 -14.70
N TYR A 132 24.98 -10.27 -14.67
CA TYR A 132 26.34 -10.19 -14.18
C TYR A 132 26.51 -9.43 -12.85
N CYS A 133 25.38 -9.03 -12.27
CA CYS A 133 25.32 -8.31 -10.98
C CYS A 133 26.32 -7.16 -10.88
N ILE A 134 26.33 -6.32 -11.92
CA ILE A 134 27.22 -5.17 -11.98
C ILE A 134 26.49 -3.92 -11.54
N GLN A 135 26.92 -3.33 -10.44
CA GLN A 135 26.34 -2.10 -9.94
C GLN A 135 26.71 -0.99 -10.95
N GLY A 136 25.72 -0.28 -11.44
CA GLY A 136 25.97 0.88 -12.25
C GLY A 136 24.73 1.70 -12.41
N ASP A 137 24.86 3.02 -12.36
CA ASP A 137 23.71 3.85 -12.68
C ASP A 137 22.54 3.44 -11.82
N ASN A 138 21.42 3.16 -12.47
CA ASN A 138 20.23 2.67 -11.80
C ASN A 138 20.32 1.28 -11.16
N CYS A 139 21.14 0.40 -11.74
CA CYS A 139 21.26 -0.98 -11.28
C CYS A 139 22.04 -0.95 -9.95
N PHE A 140 21.36 -1.38 -8.90
CA PHE A 140 21.91 -1.36 -7.53
C PHE A 140 21.64 -2.75 -6.95
N PRO A 141 22.36 -3.77 -7.46
CA PRO A 141 22.27 -5.18 -7.07
C PRO A 141 22.32 -5.48 -5.61
N ILE A 142 21.40 -6.32 -5.14
CA ILE A 142 21.41 -6.70 -3.73
C ILE A 142 22.27 -7.95 -3.70
N MET A 143 23.49 -7.79 -3.19
CA MET A 143 24.46 -8.86 -3.12
C MET A 143 24.20 -9.84 -1.98
N PHE A 144 24.56 -11.10 -2.21
CA PHE A 144 24.37 -12.12 -1.19
C PHE A 144 25.57 -12.14 -0.25
N PRO A 145 25.32 -12.16 1.06
CA PRO A 145 26.43 -12.20 2.01
C PRO A 145 27.12 -13.56 1.83
N LYS A 146 28.23 -13.80 2.51
CA LYS A 146 28.96 -15.05 2.34
C LYS A 146 28.24 -16.38 2.61
N ASN A 147 27.55 -16.50 3.74
CA ASN A 147 26.87 -17.75 4.10
C ASN A 147 25.44 -17.94 3.60
N ASP A 148 25.04 -17.15 2.63
CA ASP A 148 23.68 -17.25 2.15
C ASP A 148 23.41 -18.50 1.34
N PRO A 149 22.29 -19.16 1.63
CA PRO A 149 21.92 -20.38 0.90
C PRO A 149 21.61 -20.01 -0.55
N LYS A 150 21.08 -18.81 -0.78
CA LYS A 150 20.77 -18.39 -2.14
C LYS A 150 22.02 -18.27 -3.01
N LEU A 151 23.19 -18.12 -2.40
CA LEU A 151 24.41 -18.03 -3.19
C LEU A 151 24.50 -19.30 -4.03
N LYS A 152 24.28 -20.43 -3.37
CA LYS A 152 24.36 -21.74 -3.99
C LYS A 152 23.35 -22.07 -5.09
N THR A 153 22.10 -21.63 -4.94
CA THR A 153 21.09 -21.95 -5.93
C THR A 153 20.67 -20.83 -6.89
N GLN A 154 21.09 -19.59 -6.60
CA GLN A 154 20.66 -18.46 -7.42
C GLN A 154 21.70 -17.56 -8.06
N GLY A 155 22.90 -17.52 -7.50
CA GLY A 155 23.91 -16.67 -8.09
C GLY A 155 24.60 -15.78 -7.09
N LYS A 156 25.08 -14.65 -7.56
CA LYS A 156 25.80 -13.73 -6.71
C LYS A 156 24.90 -12.69 -6.07
N CYS A 157 23.77 -12.38 -6.70
CA CYS A 157 22.89 -11.33 -6.19
C CYS A 157 21.41 -11.44 -6.55
N MET A 158 20.70 -10.38 -6.15
CA MET A 158 19.28 -10.22 -6.46
C MET A 158 19.27 -8.88 -7.18
N PRO A 159 18.65 -8.83 -8.37
CA PRO A 159 18.59 -7.57 -9.11
C PRO A 159 17.78 -6.53 -8.36
N PHE A 160 18.14 -5.26 -8.56
CA PHE A 160 17.47 -4.14 -7.90
C PHE A 160 17.75 -2.90 -8.75
N PHE A 161 16.75 -2.05 -8.90
CA PHE A 161 16.92 -0.83 -9.68
C PHE A 161 16.45 0.35 -8.87
N ARG A 162 17.22 1.43 -8.92
CA ARG A 162 16.88 2.62 -8.19
C ARG A 162 15.56 3.22 -8.66
N ALA A 163 14.81 3.79 -7.72
CA ALA A 163 13.52 4.41 -8.00
C ALA A 163 13.68 5.64 -8.88
N GLY A 164 12.63 5.99 -9.59
CA GLY A 164 12.64 7.15 -10.45
C GLY A 164 12.77 8.42 -9.63
N PHE A 165 13.24 9.47 -10.21
CA PHE A 165 13.41 10.75 -9.52
C PHE A 165 13.11 11.96 -10.41
N VAL A 166 12.52 13.01 -9.82
CA VAL A 166 12.03 14.21 -10.54
C VAL A 166 13.09 15.03 -11.25
N CYS A 167 12.62 15.79 -12.25
CA CYS A 167 13.40 16.61 -13.20
C CYS A 167 14.10 15.76 -14.25
N PRO A 168 15.44 15.68 -14.20
CA PRO A 168 16.06 14.79 -15.15
C PRO A 168 15.76 13.36 -14.77
N THR A 169 15.70 12.47 -15.76
CA THR A 169 15.71 11.05 -15.49
C THR A 169 17.10 10.44 -15.84
N PRO A 170 18.05 11.27 -16.31
CA PRO A 170 19.49 11.00 -16.10
C PRO A 170 20.04 11.81 -14.90
N PRO A 171 21.16 11.34 -14.30
CA PRO A 171 21.70 11.99 -13.08
C PRO A 171 21.96 13.50 -13.18
N TYR A 172 21.39 14.27 -12.25
CA TYR A 172 21.69 15.69 -12.07
C TYR A 172 22.37 15.87 -10.70
N GLN A 173 23.15 16.94 -10.53
CA GLN A 173 24.09 17.06 -9.38
C GLN A 173 24.15 18.43 -8.64
N SER A 174 23.01 18.93 -8.14
CA SER A 174 22.94 20.26 -7.49
C SER A 174 22.07 20.31 -6.19
N LEU A 175 20.87 19.74 -6.28
CA LEU A 175 19.99 19.45 -5.12
C LEU A 175 19.97 17.93 -4.94
N ALA A 176 19.72 17.47 -3.72
CA ALA A 176 19.67 16.03 -3.46
C ALA A 176 18.56 15.38 -4.27
N ARG A 177 18.77 14.11 -4.62
CA ARG A 177 17.83 13.34 -5.44
C ARG A 177 16.48 13.14 -4.73
N GLU A 178 15.38 13.49 -5.48
CA GLU A 178 14.05 13.36 -4.91
C GLU A 178 13.19 12.38 -5.73
N GLN A 179 12.85 11.24 -5.13
CA GLN A 179 12.04 10.23 -5.81
C GLN A 179 10.60 10.70 -6.05
N ILE A 180 9.95 10.10 -7.06
CA ILE A 180 8.58 10.45 -7.43
C ILE A 180 7.48 9.66 -6.75
N ASN A 181 6.35 10.31 -6.47
CA ASN A 181 5.19 9.61 -5.94
C ASN A 181 4.24 9.60 -7.17
N ALA A 182 4.04 8.43 -7.76
CA ALA A 182 3.21 8.30 -8.96
C ALA A 182 1.70 8.23 -8.76
N VAL A 183 1.22 8.42 -7.53
CA VAL A 183 -0.23 8.46 -7.32
C VAL A 183 -0.52 9.69 -6.48
N THR A 184 -1.80 9.97 -6.25
CA THR A 184 -2.20 11.16 -5.50
C THR A 184 -2.19 10.99 -3.99
N SER A 185 -1.51 11.88 -3.27
CA SER A 185 -1.47 11.82 -1.82
C SER A 185 -2.84 11.76 -1.10
N PHE A 186 -3.92 11.99 -1.83
CA PHE A 186 -5.24 11.96 -1.22
C PHE A 186 -5.85 10.57 -1.12
N LEU A 187 -6.65 10.37 -0.09
CA LEU A 187 -7.37 9.12 0.06
C LEU A 187 -8.58 9.28 -0.82
N ASP A 188 -8.31 9.16 -2.12
CA ASP A 188 -9.29 9.44 -3.14
C ASP A 188 -9.77 8.24 -3.93
N ALA A 189 -9.31 7.05 -3.59
CA ALA A 189 -9.56 5.89 -4.45
C ALA A 189 -8.68 5.89 -5.71
N SER A 190 -7.61 6.69 -5.73
CA SER A 190 -6.76 6.68 -6.91
C SER A 190 -6.56 5.26 -7.41
N LEU A 191 -6.47 4.28 -6.50
CA LEU A 191 -6.24 2.89 -6.88
C LEU A 191 -7.39 2.23 -7.64
N VAL A 192 -8.57 2.82 -7.58
CA VAL A 192 -9.68 2.23 -8.30
C VAL A 192 -9.87 2.89 -9.67
N TYR A 193 -9.78 4.22 -9.70
CA TYR A 193 -9.99 5.01 -10.93
C TYR A 193 -8.78 5.41 -11.76
N GLY A 194 -7.61 5.53 -11.11
CA GLY A 194 -6.41 5.92 -11.81
C GLY A 194 -5.84 7.21 -11.25
N SER A 195 -4.59 7.54 -11.61
CA SER A 195 -3.93 8.78 -11.16
C SER A 195 -3.49 9.58 -12.40
N GLU A 196 -3.72 9.00 -13.57
CA GLU A 196 -3.44 9.64 -14.85
C GLU A 196 -4.70 9.64 -15.71
N PRO A 197 -4.98 10.76 -16.37
CA PRO A 197 -6.18 10.90 -17.18
C PRO A 197 -6.21 9.81 -18.22
N LEU A 199 -5.00 6.65 -18.05
CA LEU A 199 -5.52 5.40 -17.47
C LEU A 199 -6.97 5.47 -17.06
N ALA A 200 -7.34 6.61 -16.51
CA ALA A 200 -8.61 6.80 -15.84
C ALA A 200 -9.72 6.59 -16.83
N SER A 201 -9.51 7.03 -18.05
CA SER A 201 -10.52 6.91 -19.09
C SER A 201 -10.62 5.50 -19.65
N ARG A 202 -9.46 4.92 -19.96
CA ARG A 202 -9.41 3.56 -20.48
C ARG A 202 -10.18 2.65 -19.53
N LEU A 203 -9.92 2.78 -18.24
CA LEU A 203 -10.60 1.98 -17.22
C LEU A 203 -12.12 2.11 -17.27
N ARG A 204 -12.60 3.23 -17.77
CA ARG A 204 -14.04 3.52 -17.86
C ARG A 204 -14.74 2.78 -18.99
N ASN A 205 -16.05 2.54 -18.82
CA ASN A 205 -16.87 2.09 -19.92
C ASN A 205 -17.65 3.24 -20.50
N LEU A 206 -17.18 3.76 -21.62
CA LEU A 206 -17.81 4.91 -22.24
C LEU A 206 -18.90 4.56 -23.23
N SER A 207 -18.97 3.29 -23.60
CA SER A 207 -19.99 2.82 -24.53
C SER A 207 -21.39 3.19 -24.08
N SER A 208 -21.84 2.63 -22.96
CA SER A 208 -23.18 2.97 -22.47
C SER A 208 -23.03 4.31 -21.73
N PRO A 209 -24.10 5.11 -21.70
CA PRO A 209 -24.05 6.41 -21.02
C PRO A 209 -24.44 6.28 -19.55
N LEU A 210 -24.11 5.15 -18.94
CA LEU A 210 -24.48 4.90 -17.56
C LEU A 210 -23.42 5.12 -16.45
N GLY A 211 -22.27 5.69 -16.82
CA GLY A 211 -21.21 5.97 -15.86
C GLY A 211 -20.62 4.76 -15.15
N LEU A 212 -20.54 3.66 -15.88
CA LEU A 212 -20.00 2.43 -15.32
C LEU A 212 -18.49 2.34 -15.52
N MET A 213 -17.86 1.59 -14.63
CA MET A 213 -16.43 1.34 -14.75
C MET A 213 -16.45 0.07 -15.60
N ALA A 214 -15.62 0.02 -16.64
CA ALA A 214 -15.56 -1.13 -17.55
C ALA A 214 -15.19 -2.44 -16.87
N VAL A 215 -15.87 -3.51 -17.25
CA VAL A 215 -15.64 -4.83 -16.66
C VAL A 215 -15.16 -5.90 -17.62
N ASN A 216 -14.87 -7.09 -17.09
CA ASN A 216 -14.38 -8.20 -17.89
C ASN A 216 -15.54 -8.81 -18.67
N GLN A 217 -15.35 -8.93 -19.99
CA GLN A 217 -16.35 -9.48 -20.89
C GLN A 217 -16.00 -10.92 -21.24
N GLU A 218 -14.90 -11.42 -20.69
CA GLU A 218 -14.51 -12.78 -20.98
C GLU A 218 -14.90 -13.76 -19.89
N ALA A 219 -15.06 -13.28 -18.67
CA ALA A 219 -15.41 -14.19 -17.57
C ALA A 219 -16.22 -13.52 -16.46
N TRP A 220 -17.05 -14.30 -15.80
CA TRP A 220 -17.87 -13.78 -14.72
C TRP A 220 -17.80 -14.59 -13.42
N ASP A 221 -18.45 -14.07 -12.38
CA ASP A 221 -18.45 -14.70 -11.07
C ASP A 221 -19.89 -14.74 -10.58
N HIS A 222 -20.63 -15.78 -11.00
CA HIS A 222 -22.03 -15.94 -10.63
C HIS A 222 -22.80 -14.70 -11.04
N GLY A 223 -22.52 -14.19 -12.24
CA GLY A 223 -23.20 -12.99 -12.70
C GLY A 223 -22.66 -11.73 -12.03
N LEU A 224 -21.51 -11.83 -11.37
CA LEU A 224 -20.90 -10.68 -10.73
C LEU A 224 -19.61 -10.37 -11.49
N ALA A 225 -19.27 -9.09 -11.53
CA ALA A 225 -18.11 -8.57 -12.28
C ALA A 225 -16.67 -8.95 -11.91
N TYR A 226 -15.79 -8.79 -12.89
CA TYR A 226 -14.37 -9.04 -12.73
C TYR A 226 -13.71 -7.86 -13.38
N LEU A 227 -12.56 -7.46 -12.86
CA LEU A 227 -11.86 -6.33 -13.46
C LEU A 227 -11.42 -6.77 -14.85
N PRO A 228 -11.31 -5.82 -15.80
CA PRO A 228 -10.87 -6.18 -17.16
C PRO A 228 -9.41 -6.60 -17.09
N PHE A 229 -8.99 -7.49 -17.99
CA PHE A 229 -7.61 -7.91 -18.02
C PHE A 229 -6.78 -6.80 -18.61
N ASN A 230 -5.48 -6.82 -18.37
CA ASN A 230 -4.65 -5.87 -19.05
C ASN A 230 -3.91 -6.64 -20.10
N ASN A 231 -4.17 -6.34 -21.36
CA ASN A 231 -3.47 -7.05 -22.41
C ASN A 231 -2.17 -6.38 -22.76
N LYS A 232 -1.24 -6.40 -21.82
CA LYS A 232 0.11 -5.95 -22.07
C LYS A 232 1.01 -7.15 -21.88
N LYS A 233 1.86 -7.39 -22.87
CA LYS A 233 2.78 -8.53 -22.81
C LYS A 233 4.21 -8.00 -22.73
N PRO A 234 5.08 -8.66 -21.95
CA PRO A 234 4.88 -9.87 -21.13
C PRO A 234 4.07 -9.59 -19.87
N SER A 235 3.26 -10.58 -19.49
CA SER A 235 2.40 -10.50 -18.31
C SER A 235 2.81 -11.55 -17.29
N PRO A 236 3.08 -11.14 -16.04
CA PRO A 236 3.50 -12.07 -14.96
C PRO A 236 2.41 -13.01 -14.51
N CYS A 237 1.16 -12.64 -14.75
CA CYS A 237 0.05 -13.49 -14.35
C CYS A 237 -0.03 -14.62 -15.36
N GLU A 238 0.54 -14.40 -16.53
CA GLU A 238 0.57 -15.43 -17.56
C GLU A 238 1.81 -16.29 -17.32
N PHE A 239 2.93 -15.66 -16.99
CA PHE A 239 4.20 -16.34 -16.72
C PHE A 239 4.11 -17.35 -15.57
N ILE A 240 3.36 -17.03 -14.52
CA ILE A 240 3.21 -17.98 -13.40
C ILE A 240 2.50 -19.28 -13.76
N ASN A 241 1.43 -19.20 -14.54
CA ASN A 241 0.86 -20.40 -15.15
C ASN A 241 0.69 -20.19 -16.64
N THR A 242 1.53 -20.86 -17.46
CA THR A 242 1.52 -20.63 -18.90
C THR A 242 0.54 -21.54 -19.61
N THR A 243 -0.04 -22.45 -18.84
CA THR A 243 -1.03 -23.38 -19.35
C THR A 243 -2.40 -22.73 -19.21
N ALA A 244 -2.62 -22.12 -18.05
CA ALA A 244 -3.83 -21.37 -17.75
C ALA A 244 -3.98 -20.12 -18.61
N ARG A 245 -2.87 -19.44 -18.87
CA ARG A 245 -2.87 -18.29 -19.76
C ARG A 245 -3.88 -17.24 -19.39
N VAL A 246 -3.89 -16.85 -18.12
CA VAL A 246 -4.74 -15.76 -17.67
C VAL A 246 -3.90 -14.56 -17.28
N PRO A 247 -4.16 -13.41 -17.91
CA PRO A 247 -3.42 -12.18 -17.63
C PRO A 247 -3.81 -11.46 -16.36
N CYS A 248 -3.01 -10.45 -16.00
CA CYS A 248 -3.25 -9.64 -14.82
C CYS A 248 -4.42 -8.69 -15.06
N PHE A 249 -5.01 -8.19 -13.97
CA PHE A 249 -6.14 -7.28 -14.08
C PHE A 249 -5.75 -5.82 -14.33
N LEU A 250 -6.69 -5.07 -14.90
CA LEU A 250 -6.49 -3.65 -15.18
C LEU A 250 -7.30 -2.90 -14.13
N ALA A 251 -6.58 -2.18 -13.27
CA ALA A 251 -7.19 -1.43 -12.18
C ALA A 251 -6.69 0.01 -12.20
N GLY A 252 -7.12 0.79 -11.21
CA GLY A 252 -6.68 2.17 -11.10
C GLY A 252 -5.21 2.24 -10.71
N ASP A 253 -4.75 1.26 -9.93
CA ASP A 253 -3.36 1.19 -9.51
C ASP A 253 -2.70 0.01 -10.21
N PHE A 254 -1.46 0.21 -10.66
CA PHE A 254 -0.71 -0.80 -11.38
C PHE A 254 -0.38 -2.14 -10.67
N ARG A 255 -0.20 -2.12 -9.35
CA ARG A 255 0.17 -3.33 -8.58
C ARG A 255 -0.99 -4.20 -8.09
N ALA A 256 -2.18 -3.98 -8.62
CA ALA A 256 -3.37 -4.71 -8.20
C ALA A 256 -3.40 -6.24 -8.19
N SER A 257 -2.58 -6.87 -9.00
CA SER A 257 -2.60 -8.32 -9.08
C SER A 257 -1.40 -8.99 -8.43
N GLU A 258 -0.65 -8.25 -7.64
CA GLU A 258 0.59 -8.77 -7.07
C GLU A 258 0.31 -9.99 -6.24
N GLN A 259 -0.75 -9.96 -5.46
CA GLN A 259 -1.23 -11.16 -4.80
C GLN A 259 -2.75 -11.24 -4.85
N ILE A 260 -3.26 -12.46 -4.96
CA ILE A 260 -4.69 -12.74 -5.02
C ILE A 260 -5.68 -12.02 -4.10
N LEU A 261 -5.30 -11.68 -2.88
CA LEU A 261 -6.22 -11.01 -1.97
C LEU A 261 -6.32 -9.51 -2.24
N LEU A 262 -5.27 -8.95 -2.82
CA LEU A 262 -5.29 -7.52 -3.15
C LEU A 262 -6.18 -7.49 -4.38
N ALA A 263 -5.85 -8.37 -5.34
CA ALA A 263 -6.64 -8.50 -6.56
C ALA A 263 -8.11 -8.57 -6.15
N THR A 264 -8.37 -9.36 -5.10
CA THR A 264 -9.70 -9.57 -4.55
C THR A 264 -10.34 -8.31 -3.98
N ALA A 265 -9.58 -7.55 -3.18
CA ALA A 265 -10.14 -6.33 -2.60
C ALA A 265 -10.42 -5.32 -3.69
N HIS A 266 -9.63 -5.39 -4.76
CA HIS A 266 -9.83 -4.49 -5.88
C HIS A 266 -11.13 -4.88 -6.55
N THR A 267 -11.39 -6.18 -6.62
CA THR A 267 -12.62 -6.64 -7.25
C THR A 267 -13.85 -6.12 -6.52
N LEU A 268 -13.83 -6.14 -5.19
CA LEU A 268 -14.96 -5.64 -4.42
C LEU A 268 -15.20 -4.15 -4.68
N LEU A 269 -14.12 -3.37 -4.73
CA LEU A 269 -14.26 -1.92 -4.94
C LEU A 269 -14.91 -1.54 -6.28
N LEU A 270 -14.44 -2.12 -7.37
CA LEU A 270 -15.03 -1.83 -8.67
C LEU A 270 -16.54 -2.10 -8.63
N ARG A 271 -16.93 -3.18 -7.99
CA ARG A 271 -18.32 -3.59 -7.92
C ARG A 271 -19.19 -2.57 -7.19
N GLU A 272 -18.66 -2.04 -6.09
CA GLU A 272 -19.38 -1.05 -5.32
C GLU A 272 -19.61 0.16 -6.19
N HIS A 273 -18.61 0.50 -7.01
CA HIS A 273 -18.73 1.65 -7.87
C HIS A 273 -19.82 1.47 -8.89
N ASN A 274 -19.83 0.32 -9.52
CA ASN A 274 -20.87 0.01 -10.47
C ASN A 274 -22.20 -0.08 -9.79
N ARG A 275 -22.22 -0.69 -8.61
CA ARG A 275 -23.46 -0.85 -7.86
C ARG A 275 -24.03 0.53 -7.53
N LEU A 276 -23.15 1.45 -7.17
CA LEU A 276 -23.55 2.82 -6.88
C LEU A 276 -24.09 3.57 -8.09
N ALA A 277 -23.46 3.39 -9.24
CA ALA A 277 -23.83 4.10 -10.45
C ALA A 277 -25.19 3.67 -10.96
N ARG A 278 -25.53 2.41 -10.73
CA ARG A 278 -26.83 1.93 -11.18
C ARG A 278 -27.92 2.40 -10.23
N GLU A 279 -27.62 2.43 -8.94
CA GLU A 279 -28.60 2.91 -7.96
C GLU A 279 -28.90 4.40 -8.16
N LEU A 280 -27.87 5.20 -8.47
CA LEU A 280 -28.03 6.63 -8.69
C LEU A 280 -28.88 6.89 -9.93
N LYS A 281 -28.68 6.10 -10.97
CA LYS A 281 -29.38 6.37 -12.19
C LYS A 281 -30.86 6.29 -11.90
N LYS A 282 -31.26 5.30 -11.11
CA LYS A 282 -32.68 5.08 -10.88
C LYS A 282 -33.33 6.28 -10.21
N LEU A 283 -32.66 6.80 -9.18
CA LEU A 283 -33.13 7.98 -8.47
C LEU A 283 -33.10 9.23 -9.31
N ASN A 284 -32.04 9.37 -10.08
CA ASN A 284 -31.85 10.57 -10.90
C ASN A 284 -31.66 10.04 -12.33
N PRO A 285 -32.74 9.53 -12.95
CA PRO A 285 -32.67 9.00 -14.31
C PRO A 285 -32.21 10.05 -15.31
N HIS A 286 -32.38 11.31 -14.93
CA HIS A 286 -32.02 12.41 -15.80
C HIS A 286 -30.52 12.70 -15.78
N TRP A 287 -29.78 12.05 -14.89
CA TRP A 287 -28.34 12.28 -14.79
C TRP A 287 -27.54 11.70 -15.95
N ASN A 288 -26.66 12.54 -16.52
CA ASN A 288 -25.84 12.14 -17.65
C ASN A 288 -24.75 11.15 -17.19
N GLY A 289 -24.03 10.59 -18.15
CA GLY A 289 -23.00 9.62 -17.84
C GLY A 289 -21.93 10.09 -16.87
N GLU A 290 -21.31 11.22 -17.19
CA GLU A 290 -20.25 11.79 -16.37
C GLU A 290 -20.65 11.98 -14.91
N LYS A 291 -21.82 12.56 -14.70
CA LYS A 291 -22.35 12.82 -13.37
C LYS A 291 -22.41 11.54 -12.54
N LEU A 292 -22.93 10.47 -13.16
CA LEU A 292 -23.06 9.17 -12.50
C LEU A 292 -21.69 8.66 -12.03
N TYR A 293 -20.71 8.71 -12.93
CA TYR A 293 -19.36 8.28 -12.61
C TYR A 293 -18.79 9.15 -11.48
N GLN A 294 -18.78 10.46 -11.67
CA GLN A 294 -18.26 11.36 -10.66
C GLN A 294 -18.94 11.19 -9.30
N GLU A 295 -20.27 11.24 -9.27
CA GLU A 295 -20.98 11.08 -7.99
C GLU A 295 -20.65 9.75 -7.34
N ALA A 296 -20.61 8.69 -8.13
CA ALA A 296 -20.26 7.35 -7.61
C ALA A 296 -18.81 7.38 -7.05
N ARG A 297 -17.88 7.90 -7.86
CA ARG A 297 -16.48 8.02 -7.48
C ARG A 297 -16.35 8.79 -6.16
N LYS A 298 -17.12 9.87 -6.03
CA LYS A 298 -17.11 10.70 -4.83
C LYS A 298 -17.50 9.92 -3.58
N ILE A 299 -18.50 9.05 -3.71
CA ILE A 299 -18.99 8.24 -2.59
C ILE A 299 -17.99 7.21 -2.09
N LEU A 300 -17.40 6.46 -3.03
CA LEU A 300 -16.42 5.42 -2.73
C LEU A 300 -15.20 6.03 -2.05
N GLY A 301 -14.89 7.27 -2.39
CA GLY A 301 -13.76 7.94 -1.79
C GLY A 301 -14.09 8.23 -0.34
N ALA A 302 -15.35 8.57 -0.08
CA ALA A 302 -15.77 8.85 1.29
C ALA A 302 -15.72 7.54 2.05
N PHE A 303 -16.23 6.48 1.42
CA PHE A 303 -16.28 5.15 2.03
C PHE A 303 -14.92 4.72 2.57
N ILE A 304 -13.89 4.90 1.76
CA ILE A 304 -12.54 4.51 2.13
C ILE A 304 -12.02 5.34 3.28
N GLN A 305 -12.43 6.61 3.30
CA GLN A 305 -12.00 7.52 4.36
C GLN A 305 -12.64 7.14 5.70
N ILE A 306 -13.91 6.75 5.67
CA ILE A 306 -14.57 6.38 6.92
C ILE A 306 -13.95 5.09 7.41
N ILE A 307 -13.98 4.05 6.59
CA ILE A 307 -13.41 2.77 7.01
C ILE A 307 -11.99 2.94 7.57
N THR A 308 -11.09 3.55 6.78
CA THR A 308 -9.70 3.75 7.18
C THR A 308 -9.53 4.52 8.48
N PHE A 309 -10.22 5.66 8.60
CA PHE A 309 -10.08 6.48 9.79
C PHE A 309 -10.90 6.11 11.02
N ARG A 310 -12.07 5.51 10.83
CA ARG A 310 -12.90 5.12 11.97
C ARG A 310 -12.60 3.71 12.47
N ASP A 311 -12.55 2.75 11.54
CA ASP A 311 -12.31 1.36 11.90
C ASP A 311 -10.85 0.91 11.82
N TYR A 312 -10.11 1.37 10.82
CA TYR A 312 -8.72 0.96 10.65
C TYR A 312 -7.67 1.65 11.52
N LEU A 313 -7.49 2.95 11.31
CA LEU A 313 -6.47 3.68 12.05
C LEU A 313 -6.41 3.47 13.58
N PRO A 314 -7.57 3.46 14.26
CA PRO A 314 -7.57 3.25 15.72
C PRO A 314 -7.01 1.91 16.16
N ILE A 315 -7.27 0.86 15.39
CA ILE A 315 -6.72 -0.42 15.81
C ILE A 315 -5.26 -0.55 15.37
N VAL A 316 -4.79 0.39 14.54
CA VAL A 316 -3.38 0.36 14.18
C VAL A 316 -2.66 1.22 15.24
N LEU A 317 -3.20 2.42 15.49
CA LEU A 317 -2.58 3.36 16.43
C LEU A 317 -2.94 3.21 17.91
N GLY A 318 -4.19 2.85 18.20
CA GLY A 318 -4.62 2.66 19.58
C GLY A 318 -4.35 3.80 20.54
N SER A 319 -3.59 3.52 21.59
CA SER A 319 -3.28 4.53 22.59
C SER A 319 -2.75 5.86 22.04
N GLU A 320 -2.11 5.83 20.87
CA GLU A 320 -1.56 7.06 20.30
C GLU A 320 -2.45 7.75 19.24
N MET A 321 -3.59 7.12 18.94
CA MET A 321 -4.49 7.67 17.95
C MET A 321 -4.84 9.14 18.21
N GLN A 322 -5.41 9.42 19.39
CA GLN A 322 -5.80 10.79 19.75
C GLN A 322 -4.64 11.76 19.74
N LYS A 323 -3.49 11.31 20.23
CA LYS A 323 -2.33 12.19 20.27
C LYS A 323 -2.05 12.87 18.93
N TRP A 324 -2.15 12.12 17.82
CA TRP A 324 -1.84 12.66 16.49
C TRP A 324 -3.04 12.89 15.58
N ILE A 325 -4.17 12.31 15.91
CA ILE A 325 -5.35 12.48 15.10
C ILE A 325 -6.55 12.85 15.94
N PRO A 326 -6.55 14.09 16.39
CA PRO A 326 -7.66 14.64 17.13
C PRO A 326 -8.81 14.77 16.17
N PRO A 327 -10.02 14.82 16.68
CA PRO A 327 -11.21 14.73 15.85
C PRO A 327 -11.24 15.90 14.92
N TYR A 328 -11.93 15.74 13.80
CA TYR A 328 -11.87 16.65 12.69
C TYR A 328 -12.30 18.05 13.10
N GLN A 329 -11.55 19.02 12.60
CA GLN A 329 -11.78 20.45 12.83
C GLN A 329 -11.96 21.20 11.51
N GLY A 330 -11.96 20.45 10.41
CA GLY A 330 -12.13 21.07 9.10
C GLY A 330 -10.88 21.33 8.30
N TYR A 331 -11.08 21.63 7.03
CA TYR A 331 -9.98 21.81 6.09
C TYR A 331 -9.07 22.96 6.49
N ASN A 332 -7.77 22.71 6.42
CA ASN A 332 -6.78 23.75 6.63
C ASN A 332 -5.93 23.84 5.37
N ASN A 333 -5.83 25.00 4.78
CA ASN A 333 -5.13 25.12 3.51
C ASN A 333 -3.65 25.27 3.70
N SER A 334 -3.25 25.29 4.96
CA SER A 334 -1.83 25.46 5.28
C SER A 334 -1.24 24.13 5.70
N VAL A 335 -2.01 23.06 5.45
CA VAL A 335 -1.55 21.72 5.75
C VAL A 335 -1.04 21.09 4.45
N ASP A 336 0.16 20.55 4.52
CA ASP A 336 0.85 19.90 3.41
C ASP A 336 0.26 18.50 3.30
N PRO A 337 -0.48 18.20 2.22
CA PRO A 337 -1.01 16.83 2.20
C PRO A 337 -0.18 15.83 1.38
N ARG A 338 1.01 16.26 0.94
CA ARG A 338 1.87 15.36 0.16
C ARG A 338 2.38 14.22 1.01
N ILE A 339 2.40 13.02 0.43
CA ILE A 339 2.92 11.90 1.19
C ILE A 339 4.43 12.14 1.32
N SER A 340 4.94 11.93 2.53
CA SER A 340 6.35 12.11 2.80
C SER A 340 7.08 10.85 2.39
N ASN A 341 8.37 10.99 2.06
CA ASN A 341 9.15 9.85 1.62
C ASN A 341 9.19 8.73 2.66
N VAL A 342 9.54 9.05 3.90
CA VAL A 342 9.64 8.06 4.98
C VAL A 342 8.31 7.34 5.30
N PHE A 343 7.18 7.96 5.01
CA PHE A 343 5.91 7.30 5.29
C PHE A 343 5.81 6.09 4.36
N THR A 344 6.33 6.23 3.14
CA THR A 344 6.23 5.11 2.21
C THR A 344 7.01 3.91 2.73
N PHE A 345 7.79 4.14 3.80
CA PHE A 345 8.57 3.09 4.45
C PHE A 345 7.95 2.77 5.82
N ALA A 346 7.41 3.76 6.51
CA ALA A 346 6.81 3.50 7.81
C ALA A 346 5.70 2.48 7.61
N PHE A 347 4.90 2.75 6.58
CA PHE A 347 3.74 1.93 6.23
C PHE A 347 4.02 0.48 5.80
N ARG A 348 5.28 0.16 5.55
CA ARG A 348 5.66 -1.20 5.19
C ARG A 348 5.63 -2.10 6.44
N PHE A 349 5.13 -1.58 7.55
CA PHE A 349 5.05 -2.40 8.75
C PHE A 349 4.11 -3.53 8.40
N GLY A 350 3.21 -3.23 7.48
CA GLY A 350 2.25 -4.23 7.03
C GLY A 350 2.92 -5.51 6.59
N HIS A 351 4.14 -5.43 6.09
CA HIS A 351 4.86 -6.62 5.64
C HIS A 351 5.06 -7.68 6.75
N MET A 352 4.82 -7.34 8.00
CA MET A 352 5.02 -8.31 9.07
C MET A 352 3.70 -8.81 9.59
N GLU A 353 2.65 -8.52 8.82
CA GLU A 353 1.33 -8.96 9.18
C GLU A 353 0.87 -9.95 8.13
N VAL A 354 1.73 -10.19 7.14
CA VAL A 354 1.41 -11.13 6.08
C VAL A 354 1.81 -12.52 6.56
N PRO A 355 0.83 -13.44 6.63
CA PRO A 355 1.02 -14.82 7.06
C PRO A 355 1.33 -15.72 5.85
N SER A 356 1.91 -16.88 6.12
CA SER A 356 2.35 -17.82 5.08
C SER A 356 1.31 -18.51 4.19
N THR A 357 0.03 -18.42 4.52
CA THR A 357 -0.98 -19.09 3.71
C THR A 357 -2.27 -18.30 3.52
N VAL A 358 -3.04 -18.73 2.52
CA VAL A 358 -4.35 -18.16 2.23
C VAL A 358 -5.30 -19.32 2.01
N SER A 359 -6.53 -19.17 2.49
CA SER A 359 -7.56 -20.21 2.37
C SER A 359 -8.80 -19.77 1.61
N ARG A 360 -9.55 -20.74 1.12
CA ARG A 360 -10.82 -20.52 0.42
C ARG A 360 -11.84 -21.26 1.31
N LEU A 361 -12.94 -20.59 1.67
CA LEU A 361 -13.93 -21.20 2.57
C LEU A 361 -15.36 -21.33 2.04
N ASP A 362 -15.97 -22.50 2.25
CA ASP A 362 -17.34 -22.72 1.78
C ASP A 362 -18.34 -21.91 2.58
N GLU A 363 -19.61 -22.14 2.30
CA GLU A 363 -20.68 -21.38 2.93
C GLU A 363 -20.86 -21.56 4.44
N ASN A 364 -20.22 -22.55 5.02
CA ASN A 364 -20.29 -22.76 6.48
C ASN A 364 -18.86 -22.49 6.93
N TYR A 365 -18.19 -21.64 6.15
CA TYR A 365 -16.81 -21.25 6.41
C TYR A 365 -15.87 -22.41 6.72
N GLN A 366 -15.96 -23.48 5.93
CA GLN A 366 -15.10 -24.66 6.08
C GLN A 366 -14.18 -24.81 4.85
N PRO A 367 -13.12 -25.63 4.95
CA PRO A 367 -12.23 -25.77 3.79
C PRO A 367 -12.98 -25.98 2.48
N TRP A 368 -12.76 -25.04 1.55
CA TRP A 368 -13.39 -25.12 0.23
C TRP A 368 -12.53 -26.00 -0.65
N GLY A 369 -12.92 -27.27 -0.76
CA GLY A 369 -12.18 -28.19 -1.60
C GLY A 369 -10.92 -28.79 -1.01
N PRO A 370 -10.25 -29.65 -1.78
CA PRO A 370 -9.01 -30.35 -1.44
C PRO A 370 -7.85 -29.48 -0.98
N GLU A 371 -7.64 -28.35 -1.66
CA GLU A 371 -6.57 -27.42 -1.30
C GLU A 371 -7.11 -26.04 -1.02
N ALA A 372 -7.96 -25.94 0.00
CA ALA A 372 -8.56 -24.66 0.36
C ALA A 372 -7.44 -23.73 0.81
N GLU A 373 -6.51 -24.26 1.60
CA GLU A 373 -5.38 -23.50 2.10
C GLU A 373 -4.23 -23.65 1.11
N LEU A 374 -3.59 -22.54 0.75
CA LEU A 374 -2.46 -22.54 -0.21
C LEU A 374 -1.28 -21.73 0.31
N PRO A 375 -0.06 -22.03 -0.17
CA PRO A 375 1.10 -21.26 0.31
C PRO A 375 1.07 -19.90 -0.36
N LEU A 376 1.25 -18.84 0.43
CA LEU A 376 1.23 -17.49 -0.12
C LEU A 376 1.99 -17.28 -1.43
N HIS A 377 3.23 -17.76 -1.55
CA HIS A 377 3.95 -17.49 -2.79
C HIS A 377 3.35 -17.99 -4.10
N THR A 378 2.54 -19.06 -4.06
CA THR A 378 1.92 -19.55 -5.27
C THR A 378 0.81 -18.59 -5.68
N LEU A 379 0.63 -17.54 -4.89
CA LEU A 379 -0.41 -16.58 -5.18
C LEU A 379 0.08 -15.25 -5.76
N PHE A 380 1.38 -14.98 -5.72
CA PHE A 380 1.90 -13.75 -6.30
C PHE A 380 1.51 -13.73 -7.78
N PHE A 381 0.90 -12.63 -8.23
CA PHE A 381 0.45 -12.49 -9.62
C PHE A 381 -0.35 -13.68 -10.14
N ASN A 382 -1.10 -14.30 -9.24
CA ASN A 382 -1.93 -15.45 -9.58
C ASN A 382 -3.37 -14.98 -9.78
N THR A 383 -3.79 -14.88 -11.03
CA THR A 383 -5.14 -14.46 -11.36
C THR A 383 -6.01 -15.66 -11.72
N TRP A 384 -5.38 -16.74 -12.18
CA TRP A 384 -6.12 -17.94 -12.57
C TRP A 384 -6.83 -18.64 -11.42
N ARG A 385 -6.33 -18.48 -10.20
CA ARG A 385 -6.99 -19.13 -9.07
C ARG A 385 -8.31 -18.42 -8.72
N ILE A 386 -8.57 -17.26 -9.32
CA ILE A 386 -9.84 -16.58 -9.05
C ILE A 386 -10.87 -16.95 -10.12
N ILE A 387 -10.50 -16.77 -11.39
CA ILE A 387 -11.41 -17.06 -12.49
C ILE A 387 -11.62 -18.56 -12.72
N LYS A 388 -10.54 -19.32 -12.67
CA LYS A 388 -10.62 -20.75 -12.89
C LYS A 388 -10.84 -21.56 -11.62
N ASP A 389 -10.94 -20.91 -10.47
CA ASP A 389 -11.15 -21.66 -9.24
C ASP A 389 -12.09 -21.05 -8.19
N GLY A 390 -13.35 -20.82 -8.55
CA GLY A 390 -14.37 -20.38 -7.61
C GLY A 390 -14.75 -18.94 -7.31
N GLY A 391 -14.18 -17.95 -7.98
CA GLY A 391 -14.57 -16.57 -7.77
C GLY A 391 -13.90 -15.98 -6.55
N ILE A 392 -14.26 -14.76 -6.17
CA ILE A 392 -13.71 -14.12 -4.97
C ILE A 392 -14.46 -14.45 -3.69
N ASP A 393 -15.65 -15.03 -3.81
CA ASP A 393 -16.53 -15.20 -2.66
C ASP A 393 -15.89 -16.07 -1.60
N PRO A 394 -15.21 -17.12 -2.02
CA PRO A 394 -14.46 -18.00 -1.13
C PRO A 394 -13.29 -17.30 -0.44
N LEU A 395 -12.61 -16.42 -1.15
CA LEU A 395 -11.41 -15.76 -0.67
C LEU A 395 -11.77 -14.66 0.33
N VAL A 396 -12.92 -14.06 0.10
CA VAL A 396 -13.40 -13.01 1.00
C VAL A 396 -13.87 -13.66 2.30
N ARG A 397 -14.14 -14.97 2.30
CA ARG A 397 -14.52 -15.62 3.56
C ARG A 397 -13.23 -15.84 4.35
N GLY A 398 -12.16 -16.21 3.66
CA GLY A 398 -10.89 -16.40 4.35
C GLY A 398 -10.45 -15.08 4.99
N LEU A 399 -10.69 -13.97 4.28
CA LEU A 399 -10.35 -12.64 4.79
C LEU A 399 -11.10 -12.31 6.07
N LEU A 400 -12.32 -12.84 6.23
CA LEU A 400 -13.08 -12.56 7.44
C LEU A 400 -12.75 -13.55 8.57
N ALA A 401 -12.62 -14.84 8.23
CA ALA A 401 -12.37 -15.88 9.23
C ALA A 401 -10.93 -16.27 9.59
N LYS A 402 -9.92 -15.75 8.91
CA LYS A 402 -8.56 -16.11 9.28
C LYS A 402 -7.90 -14.94 9.99
N LYS A 403 -6.75 -15.18 10.58
CA LYS A 403 -6.03 -14.13 11.29
C LYS A 403 -4.87 -13.60 10.45
N SER A 404 -4.33 -12.45 10.83
CA SER A 404 -3.18 -11.87 10.14
C SER A 404 -2.05 -12.34 11.01
N LYS A 405 -0.83 -12.18 10.51
CA LYS A 405 0.33 -12.55 11.30
C LYS A 405 0.56 -11.44 12.34
N LEU A 406 1.00 -11.81 13.53
CA LEU A 406 1.25 -10.80 14.53
C LEU A 406 2.71 -10.39 14.35
N MET A 407 3.01 -9.12 14.60
CA MET A 407 4.39 -8.71 14.47
C MET A 407 5.06 -9.44 15.63
N ASN A 408 6.27 -9.90 15.41
CA ASN A 408 6.98 -10.65 16.43
C ASN A 408 8.46 -10.34 16.28
N GLN A 409 9.11 -9.99 17.39
CA GLN A 409 10.52 -9.63 17.34
C GLN A 409 11.46 -10.75 16.90
N ASP A 410 11.03 -12.00 17.08
CA ASP A 410 11.85 -13.15 16.70
C ASP A 410 11.33 -13.71 15.39
N LYS A 411 10.13 -13.29 14.99
CA LYS A 411 9.54 -13.72 13.73
C LYS A 411 8.94 -12.59 12.89
N MET A 412 9.78 -11.72 12.34
CA MET A 412 9.27 -10.55 11.59
C MET A 412 8.56 -10.73 10.26
N VAL A 413 9.17 -11.49 9.35
CA VAL A 413 8.66 -11.58 8.01
C VAL A 413 8.70 -13.00 7.56
N THR A 414 7.60 -13.50 7.03
CA THR A 414 7.51 -14.88 6.62
C THR A 414 8.29 -15.14 5.35
N SER A 415 8.90 -16.32 5.29
CA SER A 415 9.71 -16.70 4.15
C SER A 415 9.01 -16.59 2.79
N GLU A 416 7.70 -16.78 2.78
CA GLU A 416 6.97 -16.69 1.52
C GLU A 416 7.38 -15.37 0.84
N LEU A 417 7.50 -14.31 1.65
CA LEU A 417 7.89 -12.98 1.19
C LEU A 417 9.40 -12.77 1.33
N ARG A 418 9.97 -13.32 2.38
CA ARG A 418 11.41 -13.23 2.61
C ARG A 418 12.32 -13.98 1.66
N ASN A 419 11.93 -15.19 1.25
CA ASN A 419 12.76 -15.96 0.32
C ASN A 419 12.14 -16.25 -1.04
N LYS A 420 10.82 -16.11 -1.13
CA LYS A 420 10.09 -16.58 -2.29
C LYS A 420 9.26 -15.56 -3.07
N LEU A 421 9.56 -14.29 -2.95
CA LEU A 421 8.76 -13.28 -3.65
C LEU A 421 9.00 -13.40 -5.16
N PHE A 422 7.97 -13.14 -5.96
CA PHE A 422 8.11 -13.16 -7.42
C PHE A 422 8.08 -11.72 -7.89
N GLN A 423 9.01 -11.35 -8.77
CA GLN A 423 9.06 -9.99 -9.33
C GLN A 423 8.98 -10.11 -10.84
N PRO A 424 8.19 -9.27 -11.47
CA PRO A 424 7.98 -9.38 -12.91
C PRO A 424 9.23 -9.17 -13.75
N THR A 425 9.33 -9.97 -14.79
CA THR A 425 10.41 -9.92 -15.75
C THR A 425 11.62 -10.64 -15.23
N HIS A 426 11.46 -11.26 -14.07
CA HIS A 426 12.50 -12.02 -13.47
C HIS A 426 11.87 -13.35 -13.33
N LYS A 427 12.64 -14.42 -13.40
CA LYS A 427 11.98 -15.73 -13.55
C LYS A 427 11.56 -16.56 -12.34
N ILE A 428 12.12 -16.23 -11.19
CA ILE A 428 11.92 -17.04 -10.01
C ILE A 428 11.08 -16.59 -8.81
N HIS A 429 10.55 -17.55 -8.08
CA HIS A 429 9.97 -17.29 -6.80
C HIS A 429 11.11 -17.36 -5.86
N GLY A 430 12.00 -16.41 -5.94
CA GLY A 430 13.16 -16.43 -5.09
C GLY A 430 13.68 -15.09 -4.61
N PHE A 431 12.77 -14.16 -4.34
CA PHE A 431 13.16 -12.84 -3.86
C PHE A 431 12.87 -12.58 -2.39
N ASP A 432 13.45 -11.50 -1.87
CA ASP A 432 13.30 -11.11 -0.47
C ASP A 432 12.73 -9.69 -0.30
N LEU A 433 11.50 -9.62 0.21
CA LEU A 433 10.89 -8.32 0.42
C LEU A 433 11.64 -7.53 1.48
N ALA A 434 12.18 -8.21 2.49
CA ALA A 434 12.92 -7.53 3.54
C ALA A 434 14.15 -6.84 2.95
N ALA A 435 14.99 -7.62 2.29
CA ALA A 435 16.19 -7.07 1.65
C ALA A 435 15.78 -5.89 0.79
N ILE A 436 14.83 -6.10 -0.11
CA ILE A 436 14.39 -5.00 -0.96
C ILE A 436 14.09 -3.77 -0.10
N ASN A 437 13.15 -3.88 0.83
CA ASN A 437 12.81 -2.75 1.70
C ASN A 437 14.04 -2.00 2.19
N LEU A 438 14.99 -2.72 2.76
CA LEU A 438 16.18 -2.08 3.28
C LEU A 438 16.94 -1.32 2.19
N GLN A 439 17.17 -1.98 1.06
CA GLN A 439 17.89 -1.34 -0.05
C GLN A 439 17.15 -0.09 -0.52
N ARG A 440 15.83 -0.14 -0.50
CA ARG A 440 15.03 1.00 -0.91
C ARG A 440 15.29 2.17 0.04
N CYS A 441 15.40 1.91 1.35
CA CYS A 441 15.67 2.98 2.31
C CYS A 441 16.92 3.72 1.86
N ARG A 442 17.97 2.96 1.61
CA ARG A 442 19.22 3.55 1.21
C ARG A 442 19.08 4.29 -0.11
N ASP A 443 18.33 3.71 -1.04
CA ASP A 443 18.11 4.32 -2.35
C ASP A 443 17.36 5.67 -2.24
N HIS A 444 16.46 5.78 -1.27
CA HIS A 444 15.73 7.00 -1.08
C HIS A 444 16.51 8.01 -0.24
N GLY A 445 17.73 7.64 0.12
CA GLY A 445 18.55 8.53 0.94
C GLY A 445 17.96 8.78 2.31
N MET A 446 17.34 7.76 2.88
CA MET A 446 16.72 7.90 4.19
C MET A 446 17.63 8.14 5.38
N PRO A 447 17.24 9.06 6.28
CA PRO A 447 18.02 9.37 7.48
C PRO A 447 17.94 8.12 8.35
N GLY A 448 18.91 7.94 9.24
CA GLY A 448 18.92 6.77 10.11
C GLY A 448 17.83 6.77 11.18
N TYR A 449 17.76 5.67 11.93
CA TYR A 449 16.76 5.47 12.98
C TYR A 449 16.76 6.52 14.09
N ASN A 450 17.91 7.08 14.44
CA ASN A 450 17.88 8.05 15.53
C ASN A 450 17.41 9.42 15.07
N SER A 451 17.67 9.75 13.81
CA SER A 451 17.21 11.02 13.30
C SER A 451 15.70 10.99 13.43
N TRP A 452 15.09 9.84 13.11
CA TRP A 452 13.64 9.74 13.18
C TRP A 452 13.09 9.69 14.60
N ARG A 453 13.89 9.18 15.53
CA ARG A 453 13.49 9.16 16.93
C ARG A 453 13.55 10.61 17.36
N GLY A 454 14.64 11.28 16.98
CA GLY A 454 14.78 12.68 17.31
C GLY A 454 13.56 13.42 16.79
N PHE A 455 13.25 13.21 15.51
CA PHE A 455 12.12 13.86 14.85
C PHE A 455 10.79 13.74 15.59
N CYS A 456 10.64 12.68 16.37
CA CYS A 456 9.40 12.41 17.11
C CYS A 456 9.41 12.74 18.59
N GLY A 457 10.48 13.35 19.07
CA GLY A 457 10.52 13.69 20.48
C GLY A 457 10.70 12.46 21.34
N LEU A 458 11.44 11.49 20.82
CA LEU A 458 11.72 10.27 21.58
C LEU A 458 13.22 10.24 21.73
N SER A 459 13.69 9.52 22.75
CA SER A 459 15.11 9.39 23.03
C SER A 459 15.92 8.79 21.89
N GLN A 460 17.24 8.98 21.92
CA GLN A 460 18.12 8.48 20.88
C GLN A 460 19.27 7.63 21.41
N PRO A 461 19.01 6.32 21.60
CA PRO A 461 19.93 5.29 22.09
C PRO A 461 21.26 5.30 21.37
N LYS A 462 22.36 5.33 22.12
CA LYS A 462 23.70 5.35 21.52
C LYS A 462 24.50 4.10 21.84
N THR A 463 24.02 3.31 22.80
CA THR A 463 24.71 2.09 23.24
C THR A 463 23.85 0.86 23.16
N LEU A 464 24.50 -0.30 23.27
CA LEU A 464 23.78 -1.56 23.24
C LEU A 464 22.70 -1.48 24.31
N LYS A 465 23.11 -1.20 25.54
CA LYS A 465 22.18 -1.14 26.64
C LYS A 465 21.06 -0.16 26.37
N GLY A 466 21.40 0.97 25.75
CA GLY A 466 20.38 1.95 25.46
C GLY A 466 19.35 1.35 24.52
N LEU A 467 19.83 0.64 23.52
CA LEU A 467 18.93 0.02 22.55
C LEU A 467 18.04 -1.05 23.18
N GLN A 468 18.61 -1.86 24.06
CA GLN A 468 17.86 -2.91 24.72
C GLN A 468 16.65 -2.34 25.45
N THR A 469 16.87 -1.27 26.22
CA THR A 469 15.81 -0.64 26.96
C THR A 469 14.70 -0.12 26.06
N VAL A 470 15.07 0.34 24.86
CA VAL A 470 14.06 0.83 23.91
C VAL A 470 13.26 -0.35 23.31
N LEU A 471 13.97 -1.35 22.80
CA LEU A 471 13.33 -2.49 22.17
C LEU A 471 12.75 -3.49 23.16
N LYS A 472 13.17 -3.38 24.42
CA LYS A 472 12.72 -4.29 25.45
C LYS A 472 13.10 -5.67 24.94
N ASN A 473 14.36 -5.80 24.51
CA ASN A 473 14.83 -7.06 23.97
C ASN A 473 16.35 -7.09 23.90
N LYS A 474 16.97 -7.98 24.67
CA LYS A 474 18.41 -8.09 24.68
C LYS A 474 18.96 -8.65 23.38
N ILE A 475 18.56 -9.86 23.04
CA ILE A 475 19.09 -10.49 21.83
C ILE A 475 18.89 -9.71 20.53
N LEU A 476 17.75 -9.05 20.39
CA LEU A 476 17.50 -8.25 19.19
C LEU A 476 18.45 -7.05 19.14
N ALA A 477 18.67 -6.44 20.30
CA ALA A 477 19.57 -5.29 20.41
C ALA A 477 20.99 -5.71 20.04
N LYS A 478 21.40 -6.88 20.55
CA LYS A 478 22.73 -7.41 20.31
C LYS A 478 23.01 -7.66 18.83
N LYS A 479 21.99 -8.16 18.13
CA LYS A 479 22.11 -8.46 16.70
C LYS A 479 22.19 -7.18 15.88
N LEU A 480 21.31 -6.24 16.17
CA LEU A 480 21.31 -4.97 15.47
C LEU A 480 22.64 -4.27 15.69
N MET A 481 23.07 -4.23 16.95
CA MET A 481 24.35 -3.60 17.29
C MET A 481 25.57 -4.28 16.63
N ASP A 482 25.49 -5.58 16.42
CA ASP A 482 26.54 -6.25 15.70
C ASP A 482 26.59 -5.89 14.22
N LEU A 483 25.43 -5.88 13.58
CA LEU A 483 25.32 -5.51 12.17
C LEU A 483 25.56 -4.05 11.83
N TYR A 484 24.91 -3.18 12.57
CA TYR A 484 25.05 -1.74 12.40
C TYR A 484 25.79 -1.48 13.65
N LYS A 485 26.91 -0.81 13.60
CA LYS A 485 27.65 -0.80 14.85
C LYS A 485 27.14 0.32 15.75
N THR A 486 26.17 1.05 15.24
CA THR A 486 25.56 2.14 16.01
C THR A 486 24.11 2.31 15.59
N PRO A 487 23.24 2.64 16.54
CA PRO A 487 21.82 2.82 16.25
C PRO A 487 21.64 3.88 15.16
N ASP A 488 22.47 4.93 15.23
CA ASP A 488 22.42 6.02 14.26
C ASP A 488 22.31 5.52 12.82
N ASN A 489 22.87 4.34 12.55
CA ASN A 489 22.90 3.73 11.22
C ASN A 489 21.78 2.72 10.88
N ILE A 490 20.99 2.31 11.86
CA ILE A 490 19.92 1.35 11.63
C ILE A 490 18.92 1.94 10.66
N ASP A 491 18.69 1.23 9.56
CA ASP A 491 17.74 1.67 8.55
C ASP A 491 16.35 1.84 9.21
N ILE A 492 15.73 3.00 8.98
CA ILE A 492 14.42 3.28 9.56
C ILE A 492 13.46 2.09 9.48
N TRP A 493 13.34 1.45 8.33
CA TRP A 493 12.41 0.31 8.22
C TRP A 493 12.59 -0.77 9.29
N ILE A 494 13.78 -1.36 9.37
CA ILE A 494 13.99 -2.42 10.36
C ILE A 494 13.95 -1.80 11.75
N GLY A 495 14.40 -0.56 11.87
CA GLY A 495 14.42 0.12 13.14
C GLY A 495 13.05 0.36 13.76
N GLY A 496 12.20 1.08 13.04
CA GLY A 496 10.88 1.36 13.55
C GLY A 496 10.10 0.11 13.89
N ASN A 497 10.23 -0.91 13.05
CA ASN A 497 9.50 -2.16 13.24
C ASN A 497 10.04 -3.07 14.34
N ALA A 498 11.16 -2.69 14.93
CA ALA A 498 11.76 -3.48 16.01
C ALA A 498 11.17 -3.08 17.37
N GLU A 499 10.64 -1.86 17.48
CA GLU A 499 10.05 -1.38 18.75
C GLU A 499 8.81 -2.21 19.12
N PRO A 500 8.59 -2.46 20.41
CA PRO A 500 7.40 -3.25 20.78
C PRO A 500 6.11 -2.48 20.52
N MET A 501 5.00 -3.20 20.45
CA MET A 501 3.71 -2.55 20.21
C MET A 501 3.20 -1.67 21.35
N VAL A 502 2.71 -0.49 20.97
CA VAL A 502 2.13 0.44 21.94
C VAL A 502 0.80 -0.20 22.36
N GLU A 503 0.26 0.19 23.51
CA GLU A 503 -0.96 -0.45 23.98
C GLU A 503 -2.12 -0.28 23.02
N ARG A 504 -2.83 -1.37 22.77
CA ARG A 504 -4.10 -1.38 22.04
C ARG A 504 -3.93 -1.14 20.55
N GLY A 505 -2.69 -1.19 20.10
CA GLY A 505 -2.33 -0.82 18.75
C GLY A 505 -1.37 -1.85 18.19
N ARG A 506 -1.09 -1.78 16.89
CA ARG A 506 -0.18 -2.74 16.27
C ARG A 506 1.18 -2.22 15.81
N VAL A 507 1.58 -1.02 16.25
CA VAL A 507 2.88 -0.46 15.90
C VAL A 507 3.57 0.13 17.11
N GLY A 508 4.88 0.37 17.04
CA GLY A 508 5.56 1.02 18.15
C GLY A 508 5.31 2.51 18.23
N PRO A 509 6.05 3.23 19.10
CA PRO A 509 5.92 4.68 19.31
C PRO A 509 6.38 5.47 18.09
N LEU A 510 7.52 5.08 17.54
CA LEU A 510 8.07 5.77 16.40
C LEU A 510 7.14 5.67 15.18
N LEU A 511 6.64 4.49 14.84
CA LEU A 511 5.77 4.42 13.68
C LEU A 511 4.42 5.09 13.95
N ALA A 512 3.94 5.03 15.19
CA ALA A 512 2.66 5.68 15.53
C ALA A 512 2.81 7.18 15.29
N CYS A 513 3.99 7.69 15.61
CA CYS A 513 4.28 9.11 15.43
C CYS A 513 4.29 9.47 13.94
N LEU A 514 5.14 8.80 13.16
CA LEU A 514 5.27 9.03 11.72
C LEU A 514 3.97 8.75 10.93
N LEU A 515 3.32 7.63 11.22
CA LEU A 515 2.07 7.28 10.54
C LEU A 515 0.99 8.27 10.91
N GLY A 516 0.84 8.50 12.22
CA GLY A 516 -0.18 9.41 12.71
C GLY A 516 -0.15 10.79 12.10
N ARG A 517 1.04 11.37 12.05
CA ARG A 517 1.25 12.69 11.50
C ARG A 517 0.78 12.75 10.05
N GLN A 518 1.28 11.84 9.22
CA GLN A 518 0.93 11.78 7.80
C GLN A 518 -0.57 11.68 7.55
N PHE A 519 -1.22 10.78 8.28
CA PHE A 519 -2.66 10.59 8.13
C PHE A 519 -3.42 11.82 8.58
N GLN A 520 -2.90 12.46 9.63
CA GLN A 520 -3.51 13.68 10.14
C GLN A 520 -3.43 14.71 9.01
N GLN A 521 -2.28 14.78 8.34
CA GLN A 521 -2.12 15.73 7.25
C GLN A 521 -3.02 15.31 6.09
N ILE A 522 -3.08 14.01 5.82
CA ILE A 522 -3.93 13.53 4.73
C ILE A 522 -5.36 14.05 4.87
N ARG A 523 -5.91 13.93 6.07
CA ARG A 523 -7.27 14.40 6.35
C ARG A 523 -7.43 15.92 6.38
N ASP A 524 -6.65 16.59 7.22
CA ASP A 524 -6.76 18.04 7.38
C ASP A 524 -6.44 18.92 6.17
N GLY A 525 -5.58 18.45 5.27
CA GLY A 525 -5.25 19.26 4.11
C GLY A 525 -5.96 18.85 2.83
N ASP A 526 -7.04 18.10 2.94
CA ASP A 526 -7.78 17.64 1.77
C ASP A 526 -9.13 18.34 1.64
N ARG A 527 -9.20 19.28 0.70
CA ARG A 527 -10.40 20.09 0.47
C ARG A 527 -11.66 19.29 0.23
N PHE A 528 -11.51 18.06 -0.26
CA PHE A 528 -12.66 17.23 -0.53
C PHE A 528 -12.94 16.13 0.51
N TRP A 529 -12.41 16.27 1.71
CA TRP A 529 -12.66 15.28 2.75
C TRP A 529 -14.16 15.26 2.96
N TRP A 530 -14.74 14.07 2.96
CA TRP A 530 -16.17 13.89 3.12
C TRP A 530 -16.89 14.65 4.25
N GLU A 531 -16.19 14.86 5.36
CA GLU A 531 -16.75 15.52 6.54
C GLU A 531 -16.44 17.00 6.58
N ASN A 532 -15.73 17.48 5.56
CA ASN A 532 -15.41 18.89 5.47
C ASN A 532 -16.69 19.56 5.02
N PRO A 533 -17.22 20.49 5.83
CA PRO A 533 -18.46 21.21 5.51
C PRO A 533 -18.61 21.60 4.05
N GLY A 534 -19.76 21.25 3.46
CA GLY A 534 -20.00 21.62 2.08
C GLY A 534 -19.69 20.61 1.00
N VAL A 535 -18.91 19.59 1.31
CA VAL A 535 -18.58 18.58 0.30
C VAL A 535 -19.81 17.71 0.10
N PHE A 536 -20.33 17.18 1.20
CA PHE A 536 -21.55 16.38 1.15
C PHE A 536 -22.61 17.18 1.90
N THR A 537 -23.88 16.84 1.68
CA THR A 537 -24.96 17.53 2.37
C THR A 537 -25.05 16.88 3.74
N GLU A 538 -25.49 17.65 4.74
CA GLU A 538 -25.62 17.14 6.09
C GLU A 538 -26.37 15.81 6.09
N LYS A 539 -27.37 15.71 5.22
CA LYS A 539 -28.16 14.49 5.11
C LYS A 539 -27.29 13.36 4.56
N GLN A 540 -26.50 13.67 3.54
CA GLN A 540 -25.61 12.68 2.93
C GLN A 540 -24.62 12.15 3.94
N ARG A 541 -24.06 13.07 4.75
CA ARG A 541 -23.11 12.72 5.79
C ARG A 541 -23.72 11.74 6.80
N ASP A 542 -25.01 11.86 7.04
CA ASP A 542 -25.70 10.96 7.98
C ASP A 542 -25.84 9.57 7.34
N SER A 543 -26.04 9.56 6.02
CA SER A 543 -26.16 8.31 5.26
C SER A 543 -24.83 7.58 5.29
N LEU A 544 -23.77 8.33 4.99
CA LEU A 544 -22.41 7.78 4.94
C LEU A 544 -21.92 7.24 6.28
N GLN A 545 -22.24 7.95 7.36
CA GLN A 545 -21.79 7.56 8.70
C GLN A 545 -22.09 6.11 9.08
N LYS A 546 -22.95 5.45 8.29
CA LYS A 546 -23.36 4.08 8.55
C LYS A 546 -22.64 2.95 7.79
N VAL A 547 -21.76 3.30 6.85
CA VAL A 547 -21.03 2.28 6.08
C VAL A 547 -20.24 1.30 6.95
N SER A 548 -19.96 0.12 6.38
CA SER A 548 -19.20 -0.91 7.05
C SER A 548 -18.59 -1.84 6.02
N PHE A 549 -17.47 -2.48 6.34
CA PHE A 549 -16.87 -3.37 5.36
C PHE A 549 -17.81 -4.55 5.14
N SER A 550 -18.47 -4.96 6.22
CA SER A 550 -19.41 -6.07 6.14
C SER A 550 -20.42 -5.71 5.04
N ARG A 551 -21.00 -4.52 5.14
CA ARG A 551 -21.98 -4.07 4.17
C ARG A 551 -21.39 -4.16 2.77
N LEU A 552 -20.16 -3.68 2.57
CA LEU A 552 -19.54 -3.77 1.25
C LEU A 552 -19.49 -5.23 0.79
N ILE A 553 -19.29 -6.16 1.71
CA ILE A 553 -19.25 -7.58 1.33
C ILE A 553 -20.65 -8.02 0.92
N CYS A 554 -21.60 -7.87 1.83
CA CYS A 554 -22.98 -8.27 1.56
C CYS A 554 -23.49 -7.76 0.21
N ASP A 555 -23.28 -6.49 -0.08
CA ASP A 555 -23.70 -5.90 -1.33
C ASP A 555 -23.02 -6.47 -2.55
N ASN A 556 -21.74 -6.79 -2.44
CA ASN A 556 -20.94 -7.18 -3.59
C ASN A 556 -20.46 -8.62 -3.71
N THR A 557 -21.10 -9.51 -2.97
CA THR A 557 -20.75 -10.92 -2.97
C THR A 557 -22.00 -11.66 -2.60
N HIS A 558 -21.96 -12.97 -2.72
CA HIS A 558 -23.10 -13.78 -2.40
C HIS A 558 -22.95 -14.37 -1.04
N ILE A 559 -22.09 -13.76 -0.24
CA ILE A 559 -21.99 -14.07 1.16
C ILE A 559 -23.05 -13.33 1.94
N THR A 560 -23.84 -14.05 2.72
CA THR A 560 -24.88 -13.47 3.56
C THR A 560 -24.60 -13.60 5.06
N LYS A 561 -23.39 -14.02 5.41
CA LYS A 561 -23.05 -14.17 6.82
C LYS A 561 -21.73 -13.47 7.14
N VAL A 562 -21.86 -12.26 7.69
CA VAL A 562 -20.72 -11.43 8.01
C VAL A 562 -20.62 -11.04 9.48
N PRO A 563 -19.42 -10.64 9.92
CA PRO A 563 -19.29 -10.23 11.32
C PRO A 563 -19.76 -8.77 11.30
N LEU A 564 -19.69 -8.12 12.46
CA LEU A 564 -20.06 -6.73 12.55
C LEU A 564 -18.82 -5.88 12.51
N HIS A 565 -17.79 -6.33 13.21
CA HIS A 565 -16.54 -5.62 13.19
C HIS A 565 -15.62 -6.46 12.41
N ALA A 566 -15.40 -6.03 11.18
CA ALA A 566 -14.69 -6.77 10.17
C ALA A 566 -13.24 -6.98 10.48
N PHE A 567 -12.65 -6.08 11.24
CA PHE A 567 -11.20 -6.10 11.39
C PHE A 567 -10.69 -6.95 12.54
N GLN A 568 -11.53 -7.22 13.52
CA GLN A 568 -11.14 -8.03 14.66
C GLN A 568 -11.30 -9.53 14.35
N ALA A 569 -10.69 -10.37 15.19
CA ALA A 569 -10.80 -11.81 15.00
C ALA A 569 -12.27 -12.19 15.23
N ASN A 570 -12.85 -12.92 14.30
CA ASN A 570 -14.25 -13.32 14.38
C ASN A 570 -14.44 -14.75 13.88
N ASN A 571 -14.96 -15.63 14.73
CA ASN A 571 -15.17 -17.01 14.29
C ASN A 571 -16.63 -17.28 13.94
N TYR A 572 -16.83 -18.33 13.16
CA TYR A 572 -18.15 -18.73 12.71
C TYR A 572 -18.62 -19.94 13.51
N PRO A 573 -19.92 -20.05 13.80
CA PRO A 573 -20.95 -19.08 13.42
C PRO A 573 -21.23 -18.05 14.50
N HIS A 574 -20.52 -18.15 15.62
CA HIS A 574 -20.77 -17.23 16.73
C HIS A 574 -20.74 -15.74 16.41
N ASP A 575 -19.58 -15.23 16.02
CA ASP A 575 -19.44 -13.79 15.73
C ASP A 575 -19.99 -13.40 14.38
N PHE A 576 -20.74 -14.28 13.75
CA PHE A 576 -21.29 -13.98 12.44
C PHE A 576 -22.81 -13.77 12.45
N VAL A 577 -23.25 -12.64 11.90
CA VAL A 577 -24.68 -12.34 11.84
C VAL A 577 -25.16 -12.28 10.39
N ASP A 578 -26.46 -12.50 10.22
CA ASP A 578 -27.08 -12.46 8.90
C ASP A 578 -26.90 -11.02 8.39
N CYS A 579 -26.81 -10.85 7.07
CA CYS A 579 -26.61 -9.52 6.47
C CYS A 579 -27.71 -8.50 6.72
N SER A 580 -28.92 -8.98 6.97
CA SER A 580 -30.06 -8.09 7.19
C SER A 580 -29.97 -7.27 8.47
N THR A 581 -29.21 -7.75 9.45
CA THR A 581 -29.07 -7.02 10.69
C THR A 581 -27.92 -6.00 10.57
N VAL A 582 -27.48 -5.77 9.33
CA VAL A 582 -26.39 -4.83 9.03
C VAL A 582 -26.85 -3.60 8.23
N ASP A 583 -26.64 -2.41 8.80
CA ASP A 583 -27.02 -1.14 8.17
C ASP A 583 -26.65 -1.07 6.70
N LYS A 584 -27.50 -0.45 5.89
CA LYS A 584 -27.21 -0.27 4.46
C LYS A 584 -26.84 1.18 4.20
N LEU A 585 -26.32 1.43 3.00
CA LEU A 585 -26.01 2.79 2.64
C LEU A 585 -27.24 3.22 1.87
N ASP A 586 -28.17 3.87 2.57
CA ASP A 586 -29.39 4.37 1.96
C ASP A 586 -28.99 5.63 1.17
N LEU A 587 -29.05 5.54 -0.16
CA LEU A 587 -28.66 6.65 -1.05
C LEU A 587 -29.72 7.69 -1.41
N SER A 588 -30.87 7.67 -0.74
CA SER A 588 -31.93 8.61 -1.04
C SER A 588 -31.47 10.08 -0.99
N PRO A 589 -30.62 10.44 -0.02
CA PRO A 589 -30.16 11.83 0.08
C PRO A 589 -29.41 12.35 -1.14
N TRP A 590 -29.36 11.56 -2.21
CA TRP A 590 -28.70 11.95 -3.45
C TRP A 590 -29.70 12.27 -4.55
N ALA A 591 -30.97 12.36 -4.18
CA ALA A 591 -32.02 12.69 -5.14
C ALA A 591 -31.77 14.16 -5.49
N SER A 592 -32.02 14.55 -6.73
CA SER A 592 -31.79 15.93 -7.12
C SER A 592 -32.97 16.58 -7.85
N ARG A 593 -33.91 17.14 -7.10
CA ARG A 593 -35.06 17.79 -7.72
C ARG A 593 -34.62 19.18 -8.16
N GLU A 594 -34.58 19.40 -9.47
CA GLU A 594 -34.16 20.68 -10.02
C GLU A 594 -35.31 21.39 -10.72
N ASN A 595 -36.52 20.88 -10.50
CA ASN A 595 -37.73 21.46 -11.09
C ASN A 595 -38.05 22.80 -10.44
#